data_3FL7
#
_entry.id   3FL7
#
_cell.length_a   59.358
_cell.length_b   89.992
_cell.length_c   136.476
_cell.angle_alpha   90.00
_cell.angle_beta   90.00
_cell.angle_gamma   90.00
#
_symmetry.space_group_name_H-M   'P 21 21 2'
#
loop_
_entity.id
_entity.type
_entity.pdbx_description
1 polymer 'Ephrin receptor'
2 non-polymer 'SODIUM ION'
3 non-polymer 'CHLORIDE ION'
4 non-polymer 2-acetamido-2-deoxy-beta-D-glucopyranose
5 water water
#
_entity_poly.entity_id   1
_entity_poly.type   'polypeptide(L)'
_entity_poly.pdbx_seq_one_letter_code
;AAPEHHHHHHDYDIPTTENLYFQGAMDAAQGKEVVLLDFAAAGGELGWLTHPYGKGWDLMQNIMNDMPIYMYSVCNVMSG
DQDNWLRTNWVYRGEAERIFIELKFTVRDCNSFPGGASSCKETFNLYYAESDLDYGTNFQKRLFTKIDTIAPDEITVSSD
FEARHVKLNVEERSVGPLTRKGFYLAFQDIGACVALLSVRVYYKKCPELLQGLAHFPETIAGSDAPSLATVAGTCVDHAV
VPPGGEEPRMHCAVDGEWLVPIGQCLCQAGYEKVEDACQACSPGFFKFEASESPCLECPEHTLPSPEGATSCECEEGFFR
APQDPASMPCTRPPSAPHYLTAVGMGAKVELRWTPPQDSGGREDIVYSVTCEQCWPESGECGPCEASVRYSEPPHGLTRT
SVTVSDLEPHMNYTFTVEARNGVSGLVTSRSFRTASVSINQTEPPKVRLEGRSTTSLSVSWSIPPPQQSRVWKYEVTYRK
KGDSNSYNVRRTEGFSVTLDDLAPDTTYLVQVQALTQEGQGAGSKVHEFQTLSPEG
;
_entity_poly.pdbx_strand_id   A
#
# COMPACT_ATOMS: atom_id res chain seq x y z
N GLN A 30 -9.05 28.56 13.12
CA GLN A 30 -10.17 28.76 14.10
C GLN A 30 -11.29 27.74 13.95
N GLY A 31 -11.89 27.36 15.09
CA GLY A 31 -12.99 26.40 15.14
C GLY A 31 -14.32 27.05 15.49
N LYS A 32 -15.18 26.29 16.16
CA LYS A 32 -16.55 26.71 16.39
C LYS A 32 -16.71 27.67 17.57
N GLU A 33 -17.36 28.81 17.31
CA GLU A 33 -17.78 29.72 18.37
C GLU A 33 -19.27 29.53 18.60
N VAL A 34 -19.65 29.37 19.87
CA VAL A 34 -21.04 29.37 20.24
C VAL A 34 -21.27 30.61 21.07
N VAL A 35 -22.13 31.50 20.60
CA VAL A 35 -22.35 32.80 21.24
C VAL A 35 -23.35 32.67 22.38
N LEU A 36 -23.09 33.32 23.49
CA LEU A 36 -24.00 33.23 24.64
C LEU A 36 -24.75 34.51 24.94
N LEU A 37 -24.30 35.62 24.31
CA LEU A 37 -24.80 36.95 24.62
C LEU A 37 -24.23 37.91 23.61
N ASP A 38 -25.09 38.76 23.07
CA ASP A 38 -24.62 39.69 22.06
C ASP A 38 -25.40 40.99 22.07
N PHE A 39 -24.95 41.90 22.93
CA PHE A 39 -25.66 43.14 23.17
C PHE A 39 -26.02 43.86 21.89
N ALA A 40 -25.03 44.20 21.06
CA ALA A 40 -25.29 44.87 19.78
C ALA A 40 -26.29 44.14 18.91
N ALA A 41 -26.16 42.82 18.83
CA ALA A 41 -27.06 42.00 18.02
C ALA A 41 -28.49 41.90 18.55
N ALA A 42 -28.91 42.86 19.37
CA ALA A 42 -30.21 42.76 20.04
C ALA A 42 -31.06 44.00 19.76
N GLY A 43 -30.41 45.03 19.22
CA GLY A 43 -31.08 46.26 18.83
C GLY A 43 -31.91 46.86 19.95
N GLY A 44 -31.31 47.04 21.12
CA GLY A 44 -31.96 47.76 22.22
C GLY A 44 -32.95 46.98 23.05
N GLU A 45 -33.56 45.94 22.48
CA GLU A 45 -34.64 45.21 23.17
C GLU A 45 -34.14 44.42 24.41
N LEU A 46 -32.83 44.38 24.58
CA LEU A 46 -32.23 43.79 25.77
C LEU A 46 -32.08 44.85 26.85
N GLY A 47 -32.49 44.50 28.08
CA GLY A 47 -32.57 45.50 29.15
C GLY A 47 -31.89 45.08 30.43
N TRP A 48 -30.84 45.80 30.81
CA TRP A 48 -29.97 45.37 31.89
C TRP A 48 -30.16 46.12 33.20
N LEU A 49 -29.99 45.44 34.33
CA LEU A 49 -30.19 46.10 35.63
C LEU A 49 -29.08 47.09 35.89
N THR A 50 -29.41 48.26 36.42
CA THR A 50 -28.40 49.22 36.85
C THR A 50 -28.57 49.56 38.33
N HIS A 51 -27.46 49.63 39.06
CA HIS A 51 -27.50 50.08 40.46
C HIS A 51 -26.58 51.28 40.65
N PRO A 52 -27.13 52.41 41.16
CA PRO A 52 -28.52 52.67 41.55
C PRO A 52 -29.44 52.79 40.34
N TYR A 53 -30.76 52.75 40.58
CA TYR A 53 -31.77 52.75 39.53
C TYR A 53 -31.72 54.04 38.69
N GLY A 54 -31.56 55.18 39.37
CA GLY A 54 -31.58 56.47 38.71
C GLY A 54 -30.27 56.82 38.05
N LYS A 55 -29.29 57.18 38.88
CA LYS A 55 -27.97 57.63 38.43
C LYS A 55 -27.18 56.55 37.67
N GLY A 56 -25.96 56.91 37.24
CA GLY A 56 -25.03 55.97 36.64
C GLY A 56 -25.26 55.61 35.19
N TRP A 57 -25.03 54.34 34.87
CA TRP A 57 -25.15 53.83 33.52
C TRP A 57 -26.56 54.09 32.97
N ASP A 58 -26.67 54.34 31.69
CA ASP A 58 -27.98 54.49 31.10
C ASP A 58 -27.88 54.04 29.69
N LEU A 59 -28.95 53.38 29.21
CA LEU A 59 -29.02 53.02 27.79
C LEU A 59 -29.23 54.29 26.96
N MET A 60 -28.44 54.43 25.91
CA MET A 60 -28.60 55.50 24.92
C MET A 60 -28.79 54.95 23.52
N GLN A 61 -29.70 55.56 22.77
CA GLN A 61 -29.85 55.30 21.35
C GLN A 61 -29.33 56.49 20.53
N ASN A 62 -28.48 56.21 19.55
CA ASN A 62 -28.10 57.20 18.52
C ASN A 62 -28.77 56.89 17.18
N ILE A 63 -29.29 57.93 16.52
CA ILE A 63 -29.98 57.77 15.23
C ILE A 63 -29.30 58.53 14.09
N MET A 67 -30.68 55.62 11.41
CA MET A 67 -29.70 54.55 11.65
C MET A 67 -29.48 54.40 13.16
N PRO A 68 -30.32 53.56 13.81
CA PRO A 68 -30.18 53.35 15.28
C PRO A 68 -28.90 52.64 15.68
N ILE A 69 -28.07 53.28 16.50
CA ILE A 69 -27.07 52.55 17.30
C ILE A 69 -27.32 52.69 18.82
N TYR A 70 -27.32 51.56 19.52
CA TYR A 70 -27.56 51.54 20.95
C TYR A 70 -26.24 51.42 21.70
N MET A 71 -26.27 51.71 23.00
CA MET A 71 -25.06 51.71 23.83
C MET A 71 -25.38 51.99 25.31
N TYR A 72 -24.48 51.59 26.18
CA TYR A 72 -24.60 51.95 27.59
C TYR A 72 -23.56 52.95 28.00
N SER A 73 -24.02 54.15 28.40
CA SER A 73 -23.15 55.26 28.74
C SER A 73 -23.24 55.63 30.21
N VAL A 74 -22.09 55.97 30.78
CA VAL A 74 -22.02 56.70 32.04
C VAL A 74 -20.97 57.77 31.85
N CYS A 75 -21.21 58.94 32.40
CA CYS A 75 -20.27 60.05 32.30
C CYS A 75 -20.47 61.00 33.49
N ASN A 76 -20.37 60.47 34.70
CA ASN A 76 -20.47 61.31 35.89
C ASN A 76 -19.09 61.51 36.48
N VAL A 77 -18.23 62.18 35.71
CA VAL A 77 -16.84 62.44 36.08
C VAL A 77 -16.73 63.55 37.14
N MET A 78 -17.80 64.30 37.32
CA MET A 78 -17.83 65.42 38.25
C MET A 78 -18.01 64.94 39.70
N SER A 79 -19.12 64.25 39.94
CA SER A 79 -19.47 63.73 41.27
C SER A 79 -18.31 62.99 41.94
N GLY A 80 -18.05 63.36 43.19
CA GLY A 80 -16.85 62.93 43.91
C GLY A 80 -16.68 61.45 44.21
N ASP A 81 -17.79 60.73 44.31
CA ASP A 81 -17.72 59.33 44.72
C ASP A 81 -18.74 58.45 44.03
N GLN A 82 -18.28 57.73 43.03
CA GLN A 82 -19.14 56.94 42.20
C GLN A 82 -18.88 55.46 42.36
N ASP A 83 -19.96 54.69 42.24
CA ASP A 83 -19.94 53.27 42.32
C ASP A 83 -21.15 52.76 41.52
N ASN A 84 -21.07 52.90 40.20
CA ASN A 84 -22.18 52.60 39.30
C ASN A 84 -22.07 51.21 38.68
N TRP A 85 -23.13 50.42 38.81
CA TRP A 85 -23.10 49.05 38.32
C TRP A 85 -24.08 48.78 37.22
N LEU A 86 -23.61 47.99 36.28
CA LEU A 86 -24.40 47.56 35.22
C LEU A 86 -24.33 46.07 35.19
N ARG A 87 -25.46 45.40 35.37
CA ARG A 87 -25.42 43.96 35.39
C ARG A 87 -26.21 43.35 34.28
N THR A 88 -25.57 42.45 33.52
CA THR A 88 -26.27 41.82 32.39
C THR A 88 -27.33 40.90 32.93
N ASN A 89 -28.21 40.44 32.02
N ASN A 89 -28.21 40.43 32.04
CA ASN A 89 -29.11 39.33 32.30
CA ASN A 89 -29.13 39.37 32.40
C ASN A 89 -28.32 38.08 32.74
C ASN A 89 -28.37 38.07 32.68
N TRP A 90 -29.02 37.16 33.40
CA TRP A 90 -28.47 35.83 33.69
C TRP A 90 -28.22 35.10 32.38
N VAL A 91 -27.02 34.58 32.22
CA VAL A 91 -26.68 33.89 30.97
C VAL A 91 -26.52 32.40 31.28
N TYR A 92 -27.30 31.58 30.59
CA TYR A 92 -27.26 30.13 30.71
C TYR A 92 -25.94 29.59 30.16
N ARG A 93 -25.30 28.72 30.92
CA ARG A 93 -23.92 28.33 30.62
C ARG A 93 -23.85 27.16 29.67
N GLY A 94 -24.80 26.25 29.78
CA GLY A 94 -24.78 25.04 28.98
C GLY A 94 -23.57 24.21 29.33
N GLU A 95 -22.81 23.90 28.30
CA GLU A 95 -21.68 22.99 28.40
C GLU A 95 -20.35 23.75 28.44
N ALA A 96 -20.40 25.07 28.42
CA ALA A 96 -19.21 25.91 28.35
C ALA A 96 -18.34 25.80 29.60
N GLU A 97 -17.02 25.76 29.39
CA GLU A 97 -16.06 25.67 30.48
C GLU A 97 -15.29 26.99 30.68
N ARG A 98 -14.65 27.45 29.60
CA ARG A 98 -14.07 28.78 29.55
C ARG A 98 -14.90 29.64 28.63
N ILE A 99 -15.32 30.83 29.12
CA ILE A 99 -16.02 31.80 28.30
C ILE A 99 -15.08 32.89 27.87
N PHE A 100 -15.35 33.50 26.73
CA PHE A 100 -14.56 34.63 26.25
C PHE A 100 -15.47 35.83 26.22
N ILE A 101 -15.00 36.95 26.75
CA ILE A 101 -15.81 38.16 26.91
C ILE A 101 -15.18 39.25 26.04
N GLU A 102 -15.88 39.68 25.01
CA GLU A 102 -15.37 40.68 24.09
C GLU A 102 -16.16 41.99 24.22
N LEU A 103 -15.46 43.07 24.53
CA LEU A 103 -16.08 44.38 24.75
C LEU A 103 -15.61 45.39 23.73
N LYS A 104 -16.51 46.27 23.32
CA LYS A 104 -16.11 47.40 22.49
C LYS A 104 -16.61 48.69 23.15
N PHE A 105 -15.72 49.67 23.26
CA PHE A 105 -16.02 50.88 24.04
C PHE A 105 -15.19 52.13 23.67
N THR A 106 -15.71 53.28 24.05
CA THR A 106 -14.94 54.52 24.05
C THR A 106 -14.77 55.04 25.49
N VAL A 107 -13.62 55.66 25.76
CA VAL A 107 -13.37 56.40 27.02
C VAL A 107 -12.90 57.81 26.67
N ARG A 108 -13.46 58.82 27.33
CA ARG A 108 -13.03 60.20 27.11
C ARG A 108 -11.88 60.55 28.06
N ASP A 109 -10.98 61.41 27.58
CA ASP A 109 -9.81 61.90 28.30
C ASP A 109 -10.23 62.74 29.52
N CYS A 110 -9.72 62.39 30.69
CA CYS A 110 -10.02 63.16 31.91
C CYS A 110 -9.54 64.62 31.83
N ASN A 111 -8.55 64.87 30.97
CA ASN A 111 -8.07 66.22 30.71
C ASN A 111 -8.82 66.92 29.59
N SER A 112 -9.80 66.24 28.99
CA SER A 112 -10.52 66.78 27.83
C SER A 112 -11.72 67.66 28.17
N PHE A 113 -12.29 67.48 29.36
CA PHE A 113 -13.17 68.51 29.93
C PHE A 113 -12.50 69.25 31.08
N PRO A 114 -12.72 70.59 31.16
CA PRO A 114 -12.04 71.41 32.17
C PRO A 114 -12.66 71.31 33.55
N SER A 119 -12.34 64.57 40.36
CA SER A 119 -12.39 63.14 40.66
C SER A 119 -12.73 62.32 39.41
N CYS A 120 -11.74 62.11 38.55
CA CYS A 120 -11.94 61.52 37.24
C CYS A 120 -11.03 60.33 37.02
N LYS A 121 -11.55 59.31 36.34
CA LYS A 121 -10.80 58.11 36.01
C LYS A 121 -11.06 57.73 34.54
N GLU A 122 -10.17 56.93 33.96
CA GLU A 122 -10.28 56.59 32.52
C GLU A 122 -10.37 55.09 32.28
N THR A 123 -10.68 54.34 33.35
CA THR A 123 -10.86 52.90 33.27
C THR A 123 -12.19 52.46 33.90
N PHE A 124 -12.60 51.22 33.64
CA PHE A 124 -13.68 50.61 34.42
C PHE A 124 -13.34 49.18 34.86
N ASN A 125 -14.27 48.57 35.58
CA ASN A 125 -14.02 47.24 36.11
C ASN A 125 -15.02 46.24 35.59
N LEU A 126 -14.56 45.02 35.35
CA LEU A 126 -15.40 43.95 34.82
C LEU A 126 -15.45 42.82 35.81
N TYR A 127 -16.67 42.43 36.21
CA TYR A 127 -16.85 41.35 37.21
C TYR A 127 -17.74 40.27 36.63
N TYR A 128 -17.82 39.17 37.36
CA TYR A 128 -18.76 38.11 37.05
C TYR A 128 -19.18 37.38 38.32
N ALA A 129 -20.34 36.73 38.26
CA ALA A 129 -20.85 35.91 39.34
C ALA A 129 -21.49 34.68 38.75
N GLU A 130 -21.13 33.51 39.29
CA GLU A 130 -21.80 32.27 38.93
C GLU A 130 -22.99 32.10 39.85
N SER A 131 -23.93 31.25 39.46
CA SER A 131 -25.21 31.11 40.15
C SER A 131 -26.08 30.14 39.39
N ASP A 132 -26.93 29.41 40.12
CA ASP A 132 -27.84 28.46 39.52
C ASP A 132 -29.25 29.04 39.36
N LEU A 133 -29.53 30.13 40.07
CA LEU A 133 -30.81 30.81 39.95
C LEU A 133 -30.65 32.22 39.39
N ASP A 134 -31.63 32.65 38.61
CA ASP A 134 -31.70 34.01 38.09
C ASP A 134 -32.47 34.87 39.07
N TYR A 135 -31.78 35.82 39.66
CA TYR A 135 -32.26 36.50 40.88
C TYR A 135 -33.06 37.71 40.55
N GLY A 136 -33.18 38.01 39.26
CA GLY A 136 -33.92 39.16 38.82
C GLY A 136 -33.31 40.41 39.42
N THR A 137 -34.18 41.33 39.80
CA THR A 137 -33.72 42.66 40.16
C THR A 137 -32.86 42.64 41.39
N ASN A 138 -32.92 41.52 42.11
CA ASN A 138 -32.13 41.37 43.30
C ASN A 138 -30.70 41.15 42.88
N PHE A 139 -29.91 42.21 42.99
CA PHE A 139 -28.49 42.26 42.59
C PHE A 139 -27.62 42.66 43.77
N GLN A 140 -26.59 41.86 44.07
CA GLN A 140 -25.74 42.13 45.24
C GLN A 140 -24.26 42.17 44.88
N LYS A 141 -23.71 43.36 44.60
CA LYS A 141 -22.30 43.46 44.16
C LYS A 141 -21.28 42.56 44.93
N ARG A 142 -21.51 42.31 46.21
CA ARG A 142 -20.57 41.51 47.01
C ARG A 142 -20.38 40.06 46.52
N LEU A 143 -21.31 39.59 45.67
CA LEU A 143 -21.23 38.25 45.07
C LEU A 143 -20.46 38.24 43.75
N PHE A 144 -19.92 39.38 43.34
CA PHE A 144 -19.27 39.46 42.06
C PHE A 144 -17.77 39.48 42.14
N THR A 145 -17.16 38.53 41.44
CA THR A 145 -15.72 38.41 41.41
C THR A 145 -15.15 39.24 40.26
N LYS A 146 -14.10 40.01 40.55
CA LYS A 146 -13.48 40.92 39.59
C LYS A 146 -12.61 40.19 38.57
N ILE A 147 -12.95 40.32 37.30
CA ILE A 147 -12.10 39.76 36.25
C ILE A 147 -10.87 40.66 36.01
N ASP A 148 -11.10 41.94 35.76
CA ASP A 148 -10.01 42.82 35.36
C ASP A 148 -10.36 44.30 35.33
N THR A 149 -9.34 45.14 35.43
CA THR A 149 -9.49 46.55 35.13
C THR A 149 -9.40 46.70 33.61
N ILE A 150 -10.39 47.34 33.00
CA ILE A 150 -10.39 47.55 31.56
C ILE A 150 -9.92 48.95 31.25
N ALA A 151 -8.84 49.08 30.49
CA ALA A 151 -8.29 50.38 30.07
C ALA A 151 -8.34 50.53 28.56
N PRO A 152 -8.46 51.77 28.06
CA PRO A 152 -8.46 51.95 26.61
C PRO A 152 -7.05 52.10 26.00
N ASP A 153 -6.90 51.70 24.75
CA ASP A 153 -5.65 51.90 24.01
C ASP A 153 -5.66 53.29 23.42
N GLU A 154 -6.85 53.69 22.98
CA GLU A 154 -7.06 55.03 22.44
C GLU A 154 -8.14 55.76 23.22
N ILE A 155 -7.92 57.05 23.39
CA ILE A 155 -8.83 57.89 24.14
C ILE A 155 -9.35 59.01 23.23
N THR A 156 -10.63 59.33 23.35
CA THR A 156 -11.24 60.39 22.55
C THR A 156 -11.18 61.74 23.26
N VAL A 157 -11.13 62.79 22.46
CA VAL A 157 -11.27 64.16 22.95
C VAL A 157 -12.52 64.80 22.33
N SER A 158 -13.57 64.00 22.18
CA SER A 158 -14.84 64.44 21.61
C SER A 158 -16.02 63.94 22.45
N HIS A 165 -13.17 61.90 16.01
CA HIS A 165 -12.68 60.64 15.48
C HIS A 165 -13.15 59.49 16.37
N VAL A 166 -14.03 58.66 15.81
CA VAL A 166 -14.63 57.53 16.52
C VAL A 166 -13.62 56.40 16.82
N LYS A 167 -12.98 56.51 18.00
CA LYS A 167 -11.87 55.63 18.41
C LYS A 167 -12.35 54.46 19.27
N LEU A 168 -12.63 53.33 18.62
CA LEU A 168 -13.25 52.18 19.30
C LEU A 168 -12.27 51.13 19.83
N ASN A 169 -12.04 51.15 21.14
CA ASN A 169 -11.19 50.15 21.81
C ASN A 169 -11.84 48.79 21.79
N VAL A 170 -11.03 47.74 21.66
CA VAL A 170 -11.50 46.37 21.79
C VAL A 170 -10.67 45.68 22.89
N GLU A 171 -11.33 44.91 23.74
CA GLU A 171 -10.65 44.20 24.82
C GLU A 171 -11.29 42.84 25.01
N GLU A 172 -10.46 41.80 25.07
CA GLU A 172 -10.97 40.49 25.40
C GLU A 172 -10.36 39.96 26.68
N ARG A 173 -11.20 39.34 27.49
CA ARG A 173 -10.75 38.60 28.67
C ARG A 173 -11.47 37.27 28.64
N SER A 174 -11.04 36.34 29.48
CA SER A 174 -11.75 35.09 29.57
C SER A 174 -11.76 34.59 30.99
N VAL A 175 -12.73 33.75 31.32
CA VAL A 175 -12.82 33.18 32.65
C VAL A 175 -13.26 31.72 32.57
N GLY A 176 -12.73 30.90 33.47
CA GLY A 176 -13.05 29.48 33.49
C GLY A 176 -12.13 28.74 34.42
N PRO A 177 -12.53 27.52 34.86
CA PRO A 177 -13.75 26.83 34.49
C PRO A 177 -14.99 27.30 35.24
N LEU A 178 -16.13 27.31 34.55
CA LEU A 178 -17.43 27.61 35.14
C LEU A 178 -18.11 26.30 35.47
N THR A 179 -19.01 26.32 36.45
CA THR A 179 -19.59 25.06 36.93
C THR A 179 -21.07 25.13 37.24
N ARG A 180 -21.56 26.31 37.58
CA ARG A 180 -22.95 26.49 37.94
C ARG A 180 -23.79 26.54 36.67
N LYS A 181 -25.09 26.70 36.80
CA LYS A 181 -25.98 26.60 35.63
C LYS A 181 -25.88 27.82 34.71
N GLY A 182 -25.55 28.97 35.30
CA GLY A 182 -25.43 30.22 34.55
C GLY A 182 -24.54 31.20 35.29
N PHE A 183 -24.41 32.40 34.74
CA PHE A 183 -23.55 33.44 35.29
C PHE A 183 -24.07 34.80 34.91
N TYR A 184 -23.52 35.84 35.54
CA TYR A 184 -23.81 37.24 35.21
C TYR A 184 -22.48 37.93 34.94
N LEU A 185 -22.47 38.92 34.05
CA LEU A 185 -21.37 39.87 33.97
C LEU A 185 -21.85 41.18 34.58
N ALA A 186 -20.93 42.10 34.84
CA ALA A 186 -21.22 43.43 35.40
C ALA A 186 -20.10 44.38 35.05
N PHE A 187 -20.29 45.66 35.32
CA PHE A 187 -19.34 46.63 34.94
C PHE A 187 -19.41 47.65 36.01
N GLN A 188 -18.28 48.20 36.40
CA GLN A 188 -18.29 49.11 37.50
C GLN A 188 -17.60 50.32 37.02
N ASP A 189 -18.23 51.45 37.27
CA ASP A 189 -17.66 52.72 36.92
C ASP A 189 -17.49 53.54 38.18
N ILE A 190 -16.30 54.11 38.35
CA ILE A 190 -15.99 54.96 39.51
C ILE A 190 -15.70 56.40 39.07
N GLY A 191 -16.20 56.79 37.91
CA GLY A 191 -16.08 58.19 37.52
C GLY A 191 -15.39 58.32 36.18
N ALA A 192 -15.63 57.34 35.31
CA ALA A 192 -15.12 57.41 33.97
C ALA A 192 -16.26 57.82 33.07
N CYS A 193 -15.90 58.41 31.93
CA CYS A 193 -16.86 58.78 30.93
C CYS A 193 -16.81 57.77 29.78
N VAL A 194 -17.57 56.68 29.95
CA VAL A 194 -17.53 55.51 29.06
C VAL A 194 -18.82 55.36 28.26
N ALA A 195 -18.68 54.99 26.98
CA ALA A 195 -19.78 54.43 26.22
C ALA A 195 -19.42 52.97 25.97
N LEU A 196 -20.37 52.06 26.17
CA LEU A 196 -20.13 50.62 26.04
C LEU A 196 -21.05 50.11 24.93
N LEU A 197 -20.46 49.78 23.80
CA LEU A 197 -21.17 49.61 22.54
C LEU A 197 -21.43 48.17 22.20
N SER A 198 -20.63 47.28 22.78
CA SER A 198 -20.70 45.88 22.42
C SER A 198 -20.20 44.97 23.54
N VAL A 199 -20.89 43.84 23.70
CA VAL A 199 -20.51 42.82 24.66
C VAL A 199 -20.85 41.45 24.08
N ARG A 200 -19.82 40.68 23.70
CA ARG A 200 -20.02 39.33 23.18
C ARG A 200 -19.38 38.31 24.11
N VAL A 201 -20.20 37.39 24.61
CA VAL A 201 -19.67 36.22 25.26
C VAL A 201 -19.94 35.06 24.35
N TYR A 202 -18.90 34.26 24.11
CA TYR A 202 -19.03 33.04 23.33
C TYR A 202 -18.09 32.02 23.96
N TYR A 203 -18.29 30.75 23.64
CA TYR A 203 -17.29 29.72 23.91
C TYR A 203 -16.93 28.96 22.65
N LYS A 204 -15.84 28.20 22.72
CA LYS A 204 -15.32 27.52 21.54
C LYS A 204 -15.52 26.00 21.61
N LYS A 205 -15.74 25.40 20.43
CA LYS A 205 -15.86 23.94 20.31
C LYS A 205 -14.97 23.45 19.19
N CYS A 206 -14.49 22.22 19.30
CA CYS A 206 -13.99 21.54 18.11
C CYS A 206 -15.17 20.89 17.40
N PRO A 207 -15.38 21.27 16.13
CA PRO A 207 -16.56 20.85 15.40
C PRO A 207 -16.56 19.34 15.12
N GLU A 208 -17.76 18.79 14.98
CA GLU A 208 -17.96 17.45 14.43
C GLU A 208 -17.14 17.30 13.14
N LEU A 209 -16.40 16.21 13.03
CA LEU A 209 -15.37 16.09 11.98
C LEU A 209 -15.35 14.73 11.31
N LEU A 210 -15.33 14.74 9.98
CA LEU A 210 -15.02 13.55 9.20
C LEU A 210 -13.60 13.66 8.67
N GLN A 211 -12.70 12.83 9.18
CA GLN A 211 -11.33 12.81 8.66
C GLN A 211 -10.70 11.44 8.77
N GLY A 212 -9.91 11.09 7.77
CA GLY A 212 -9.21 9.80 7.72
C GLY A 212 -10.15 8.60 7.76
N LEU A 213 -11.33 8.75 7.15
CA LEU A 213 -12.37 7.73 7.18
C LEU A 213 -12.82 7.34 8.59
N ALA A 214 -12.70 8.30 9.51
CA ALA A 214 -13.30 8.21 10.84
C ALA A 214 -14.18 9.44 11.16
N HIS A 215 -15.00 9.29 12.20
CA HIS A 215 -15.90 10.34 12.68
C HIS A 215 -15.52 10.80 14.06
N PHE A 216 -15.42 12.11 14.24
CA PHE A 216 -15.12 12.71 15.53
C PHE A 216 -16.27 13.62 15.96
N PRO A 217 -16.82 13.35 17.16
CA PRO A 217 -17.92 14.13 17.75
C PRO A 217 -17.50 15.55 18.05
N GLU A 218 -18.47 16.47 18.02
CA GLU A 218 -18.25 17.83 18.50
C GLU A 218 -17.85 17.73 19.96
N THR A 219 -16.72 18.35 20.29
CA THR A 219 -16.23 18.32 21.68
C THR A 219 -15.92 19.75 22.16
N ILE A 220 -16.13 19.96 23.46
CA ILE A 220 -15.98 21.29 24.07
C ILE A 220 -14.53 21.53 24.29
N ALA A 221 -14.05 22.69 23.84
CA ALA A 221 -12.71 23.13 24.16
C ALA A 221 -12.61 23.24 25.68
N GLY A 222 -11.53 22.68 26.24
CA GLY A 222 -11.28 22.66 27.67
C GLY A 222 -10.83 24.01 28.19
N SER A 223 -10.75 24.12 29.52
CA SER A 223 -10.51 25.42 30.14
C SER A 223 -9.03 25.81 30.16
N ASP A 224 -8.18 24.90 30.60
CA ASP A 224 -6.73 25.16 30.69
C ASP A 224 -6.11 25.35 29.30
N ALA A 225 -5.23 26.33 29.16
CA ALA A 225 -4.55 26.60 27.89
C ALA A 225 -3.76 25.40 27.34
N PRO A 226 -2.98 24.70 28.19
CA PRO A 226 -2.29 23.52 27.66
C PRO A 226 -3.21 22.29 27.47
N SER A 227 -4.51 22.53 27.29
CA SER A 227 -5.47 21.46 27.06
C SER A 227 -5.37 20.91 25.66
N LEU A 228 -4.98 19.65 25.57
CA LEU A 228 -5.27 18.87 24.39
C LEU A 228 -6.06 17.66 24.86
N ALA A 229 -7.37 17.67 24.57
CA ALA A 229 -8.21 16.53 24.84
C ALA A 229 -8.14 15.53 23.68
N THR A 230 -7.82 14.28 24.00
CA THR A 230 -7.77 13.22 23.01
C THR A 230 -9.16 12.67 22.79
N VAL A 231 -9.62 12.73 21.54
CA VAL A 231 -10.93 12.27 21.16
C VAL A 231 -10.81 11.07 20.20
N ALA A 232 -11.26 9.89 20.65
CA ALA A 232 -11.36 8.71 19.80
C ALA A 232 -12.32 8.93 18.62
N GLY A 233 -11.95 8.42 17.45
CA GLY A 233 -12.80 8.49 16.27
C GLY A 233 -13.52 7.19 16.01
N THR A 234 -14.60 7.27 15.24
CA THR A 234 -15.33 6.07 14.88
C THR A 234 -15.18 5.83 13.39
N CYS A 235 -14.75 4.62 13.03
CA CYS A 235 -14.62 4.27 11.62
C CYS A 235 -15.97 4.39 10.91
N VAL A 236 -16.03 5.15 9.83
CA VAL A 236 -17.23 5.23 9.00
C VAL A 236 -17.58 3.83 8.48
N ASP A 237 -18.82 3.64 8.03
CA ASP A 237 -19.26 2.34 7.53
C ASP A 237 -18.35 1.85 6.41
N HIS A 238 -18.08 0.54 6.43
CA HIS A 238 -17.20 -0.15 5.47
C HIS A 238 -15.73 0.29 5.55
N ALA A 239 -15.35 0.88 6.67
CA ALA A 239 -13.95 1.18 6.92
C ALA A 239 -13.50 0.43 8.16
N VAL A 240 -12.19 0.26 8.29
CA VAL A 240 -11.63 -0.58 9.34
C VAL A 240 -10.23 -0.11 9.70
N VAL A 241 -9.78 -0.43 10.91
CA VAL A 241 -8.38 -0.26 11.30
C VAL A 241 -7.65 -1.62 11.15
N PRO A 242 -6.66 -1.69 10.24
CA PRO A 242 -6.13 -2.98 9.72
C PRO A 242 -5.05 -3.79 10.47
N PRO A 243 -4.01 -3.13 11.03
CA PRO A 243 -2.78 -3.91 11.25
C PRO A 243 -2.82 -4.72 12.55
N GLU A 246 -3.07 1.37 13.81
CA GLU A 246 -3.23 2.53 14.69
C GLU A 246 -4.65 3.13 14.63
N GLU A 247 -5.28 3.23 15.81
CA GLU A 247 -6.68 3.66 15.92
C GLU A 247 -6.82 5.18 15.92
N PRO A 248 -7.83 5.70 15.18
CA PRO A 248 -7.95 7.12 14.90
C PRO A 248 -8.21 7.99 16.12
N ARG A 249 -7.39 9.03 16.28
CA ARG A 249 -7.52 9.98 17.36
C ARG A 249 -7.25 11.40 16.87
N MET A 250 -7.88 12.36 17.51
CA MET A 250 -7.67 13.78 17.25
C MET A 250 -7.54 14.46 18.60
N HIS A 251 -6.96 15.65 18.59
CA HIS A 251 -6.72 16.38 19.82
C HIS A 251 -7.37 17.75 19.74
N CYS A 252 -8.30 17.99 20.65
CA CYS A 252 -9.03 19.25 20.68
C CYS A 252 -8.34 20.26 21.59
N ALA A 253 -8.00 21.39 20.98
CA ALA A 253 -7.33 22.50 21.65
C ALA A 253 -8.33 23.53 22.22
N VAL A 254 -7.84 24.44 23.05
CA VAL A 254 -8.69 25.47 23.69
C VAL A 254 -9.26 26.49 22.72
N ASP A 255 -8.72 26.57 21.52
CA ASP A 255 -9.28 27.50 20.55
C ASP A 255 -10.25 26.80 19.64
N GLY A 256 -10.47 25.50 19.90
CA GLY A 256 -11.38 24.68 19.10
C GLY A 256 -10.78 24.11 17.81
N GLU A 257 -9.46 24.15 17.70
CA GLU A 257 -8.76 23.52 16.59
C GLU A 257 -8.49 22.05 16.91
N TRP A 258 -8.63 21.21 15.88
CA TRP A 258 -8.24 19.81 15.97
C TRP A 258 -6.75 19.72 15.60
N LEU A 259 -5.91 19.20 16.49
CA LEU A 259 -4.48 19.38 16.29
C LEU A 259 -3.65 18.24 15.68
N VAL A 260 -3.57 17.07 16.29
CA VAL A 260 -2.63 16.09 15.73
C VAL A 260 -3.25 14.72 15.47
N PRO A 261 -3.52 14.44 14.20
CA PRO A 261 -4.10 13.17 13.76
C PRO A 261 -3.16 11.99 14.04
N ILE A 262 -3.67 10.99 14.77
CA ILE A 262 -2.98 9.73 14.97
C ILE A 262 -3.85 8.61 14.43
N GLY A 263 -3.30 7.79 13.53
CA GLY A 263 -4.04 6.66 12.99
C GLY A 263 -5.03 7.05 11.91
N GLN A 264 -5.69 6.04 11.33
CA GLN A 264 -6.70 6.23 10.28
C GLN A 264 -7.51 4.93 10.12
N CYS A 265 -8.63 5.01 9.39
CA CYS A 265 -9.34 3.83 8.94
C CYS A 265 -9.19 3.70 7.43
N LEU A 266 -9.24 2.47 6.94
CA LEU A 266 -9.16 2.19 5.50
C LEU A 266 -10.43 1.49 5.02
N CYS A 267 -10.89 1.86 3.82
CA CYS A 267 -12.00 1.18 3.14
C CYS A 267 -11.68 -0.29 2.83
N GLN A 268 -12.58 -1.18 3.24
CA GLN A 268 -12.34 -2.62 3.08
C GLN A 268 -12.67 -3.13 1.68
N ALA A 269 -12.37 -4.41 1.45
CA ALA A 269 -12.56 -5.05 0.15
C ALA A 269 -13.89 -4.70 -0.48
N GLY A 270 -13.88 -4.45 -1.78
CA GLY A 270 -15.09 -4.08 -2.51
C GLY A 270 -15.44 -2.61 -2.36
N TYR A 271 -14.66 -1.89 -1.54
CA TYR A 271 -14.91 -0.48 -1.27
C TYR A 271 -13.65 0.35 -1.39
N GLU A 272 -13.83 1.62 -1.78
CA GLU A 272 -12.75 2.61 -1.86
C GLU A 272 -13.13 3.91 -1.15
N LYS A 273 -12.20 4.84 -1.10
CA LYS A 273 -12.45 6.13 -0.48
C LYS A 273 -12.94 7.13 -1.54
N VAL A 274 -14.15 7.64 -1.34
CA VAL A 274 -14.64 8.76 -2.14
C VAL A 274 -15.01 9.89 -1.20
N GLU A 275 -14.31 11.01 -1.38
CA GLU A 275 -14.39 12.13 -0.45
C GLU A 275 -14.13 11.61 0.97
N ASP A 276 -15.11 11.70 1.85
CA ASP A 276 -14.88 11.37 3.26
C ASP A 276 -15.48 10.04 3.70
N ALA A 277 -15.96 9.26 2.74
CA ALA A 277 -16.58 7.97 3.04
C ALA A 277 -16.09 6.85 2.12
N CYS A 278 -16.63 5.65 2.34
CA CYS A 278 -16.35 4.50 1.50
C CYS A 278 -17.49 4.25 0.52
N GLN A 279 -17.15 3.99 -0.74
CA GLN A 279 -18.14 3.71 -1.76
C GLN A 279 -17.85 2.36 -2.43
N ALA A 280 -18.90 1.68 -2.86
CA ALA A 280 -18.77 0.44 -3.61
C ALA A 280 -17.99 0.72 -4.89
N CYS A 281 -17.11 -0.22 -5.26
CA CYS A 281 -16.40 -0.16 -6.53
C CYS A 281 -17.39 -0.02 -7.67
N SER A 282 -17.03 0.80 -8.65
CA SER A 282 -17.82 0.94 -9.86
C SER A 282 -17.96 -0.41 -10.56
N PRO A 283 -19.04 -0.59 -11.34
CA PRO A 283 -19.06 -1.65 -12.33
C PRO A 283 -17.83 -1.54 -13.22
N GLY A 284 -17.12 -2.66 -13.42
CA GLY A 284 -15.90 -2.69 -14.21
C GLY A 284 -14.61 -2.64 -13.39
N PHE A 285 -14.75 -2.63 -12.07
CA PHE A 285 -13.63 -2.44 -11.16
C PHE A 285 -13.63 -3.47 -10.02
N PHE A 286 -12.53 -3.54 -9.28
CA PHE A 286 -12.44 -4.41 -8.11
C PHE A 286 -11.43 -3.92 -7.07
N LYS A 287 -11.52 -4.50 -5.87
CA LYS A 287 -10.58 -4.30 -4.78
C LYS A 287 -10.72 -5.45 -3.83
N PHE A 288 -9.60 -6.10 -3.56
CA PHE A 288 -9.58 -7.37 -2.87
C PHE A 288 -9.22 -7.25 -1.39
N GLU A 289 -8.53 -6.17 -1.04
CA GLU A 289 -8.00 -5.97 0.31
C GLU A 289 -8.51 -4.67 0.90
N ALA A 290 -8.36 -4.53 2.21
CA ALA A 290 -8.48 -3.25 2.87
C ALA A 290 -7.16 -2.50 2.70
N SER A 291 -7.15 -1.50 1.82
CA SER A 291 -5.96 -0.69 1.57
C SER A 291 -6.35 0.78 1.40
N GLU A 292 -5.36 1.66 1.32
CA GLU A 292 -5.67 3.06 1.04
C GLU A 292 -5.68 3.38 -0.46
N SER A 293 -5.84 2.33 -1.27
CA SER A 293 -5.79 2.45 -2.71
C SER A 293 -7.18 2.49 -3.33
N PRO A 294 -7.32 3.11 -4.52
CA PRO A 294 -8.58 3.08 -5.28
C PRO A 294 -8.90 1.68 -5.82
N CYS A 295 -10.10 1.49 -6.33
CA CYS A 295 -10.46 0.25 -7.02
C CYS A 295 -9.65 0.15 -8.30
N LEU A 296 -9.07 -1.02 -8.54
CA LEU A 296 -8.38 -1.30 -9.79
C LEU A 296 -9.40 -1.72 -10.83
N GLU A 297 -9.19 -1.31 -12.08
CA GLU A 297 -10.05 -1.77 -13.16
C GLU A 297 -9.78 -3.25 -13.45
N CYS A 298 -10.78 -3.93 -14.00
CA CYS A 298 -10.68 -5.37 -14.25
C CYS A 298 -9.52 -5.69 -15.21
N PRO A 299 -8.68 -6.68 -14.86
CA PRO A 299 -7.56 -7.12 -15.71
C PRO A 299 -8.02 -7.72 -17.05
N GLU A 300 -7.10 -8.33 -17.79
CA GLU A 300 -7.43 -8.88 -19.11
C GLU A 300 -8.17 -10.19 -19.06
N HIS A 301 -8.96 -10.46 -20.09
CA HIS A 301 -9.74 -11.70 -20.24
C HIS A 301 -10.65 -11.94 -19.04
N THR A 302 -11.45 -10.94 -18.73
CA THR A 302 -12.30 -11.01 -17.55
C THR A 302 -13.72 -10.50 -17.82
N LEU A 303 -14.65 -10.90 -16.96
CA LEU A 303 -16.05 -10.55 -17.12
C LEU A 303 -16.41 -9.31 -16.29
N PRO A 304 -16.93 -8.26 -16.96
CA PRO A 304 -17.37 -7.00 -16.36
C PRO A 304 -18.00 -7.22 -14.99
N SER A 305 -17.51 -6.48 -14.00
CA SER A 305 -17.88 -6.70 -12.61
C SER A 305 -19.10 -5.88 -12.19
N PRO A 306 -19.86 -6.41 -11.23
CA PRO A 306 -20.91 -5.62 -10.60
C PRO A 306 -20.31 -4.75 -9.47
N GLU A 307 -21.10 -3.83 -8.93
CA GLU A 307 -20.67 -2.95 -7.86
C GLU A 307 -20.12 -3.75 -6.68
N GLY A 308 -19.14 -3.17 -5.99
CA GLY A 308 -18.55 -3.77 -4.81
C GLY A 308 -17.93 -5.13 -5.02
N ALA A 309 -17.18 -5.29 -6.10
CA ALA A 309 -16.53 -6.56 -6.41
C ALA A 309 -15.15 -6.67 -5.77
N THR A 310 -14.83 -7.83 -5.20
CA THR A 310 -13.52 -8.08 -4.63
C THR A 310 -12.55 -8.70 -5.65
N SER A 311 -13.12 -9.17 -6.76
CA SER A 311 -12.38 -9.74 -7.90
C SER A 311 -13.32 -9.90 -9.10
N CYS A 312 -12.78 -9.77 -10.30
CA CYS A 312 -13.57 -9.97 -11.52
C CYS A 312 -13.52 -11.43 -11.94
N GLU A 313 -14.65 -11.97 -12.39
CA GLU A 313 -14.75 -13.38 -12.81
C GLU A 313 -14.10 -13.61 -14.17
N CYS A 314 -13.65 -14.85 -14.37
CA CYS A 314 -12.95 -15.24 -15.60
C CYS A 314 -13.83 -15.35 -16.83
N GLU A 315 -13.31 -14.84 -17.94
CA GLU A 315 -13.91 -15.00 -19.26
C GLU A 315 -13.94 -16.47 -19.68
N GLU A 316 -14.94 -16.84 -20.48
CA GLU A 316 -15.09 -18.20 -21.00
C GLU A 316 -13.82 -18.65 -21.71
N GLY A 317 -13.24 -19.76 -21.24
CA GLY A 317 -12.00 -20.29 -21.79
C GLY A 317 -10.75 -19.77 -21.10
N PHE A 318 -10.93 -18.95 -20.07
CA PHE A 318 -9.82 -18.39 -19.33
C PHE A 318 -9.93 -18.76 -17.86
N PHE A 319 -8.79 -18.77 -17.15
CA PHE A 319 -8.72 -19.37 -15.82
C PHE A 319 -7.77 -18.63 -14.89
N ARG A 320 -7.72 -19.07 -13.64
CA ARG A 320 -6.75 -18.61 -12.65
C ARG A 320 -6.29 -19.79 -11.80
N ALA A 321 -5.01 -19.77 -11.43
CA ALA A 321 -4.47 -20.80 -10.56
C ALA A 321 -4.72 -20.41 -9.10
N PRO A 322 -4.75 -21.41 -8.19
CA PRO A 322 -5.03 -21.15 -6.78
C PRO A 322 -3.89 -20.42 -6.05
N GLN A 323 -2.99 -19.83 -6.81
CA GLN A 323 -1.92 -19.01 -6.24
C GLN A 323 -1.93 -17.63 -6.87
N ASP A 324 -2.70 -17.49 -7.95
CA ASP A 324 -2.84 -16.22 -8.66
C ASP A 324 -3.61 -15.17 -7.83
N PRO A 325 -3.07 -13.94 -7.74
CA PRO A 325 -3.78 -12.87 -7.05
C PRO A 325 -4.92 -12.31 -7.91
N ALA A 326 -5.90 -11.69 -7.26
CA ALA A 326 -7.08 -11.17 -7.97
C ALA A 326 -6.68 -10.17 -9.04
N SER A 327 -5.54 -9.54 -8.83
CA SER A 327 -5.01 -8.56 -9.77
C SER A 327 -4.51 -9.19 -11.08
N MET A 328 -4.21 -10.48 -11.06
CA MET A 328 -3.70 -11.14 -12.25
C MET A 328 -4.83 -11.45 -13.23
N PRO A 329 -4.64 -11.06 -14.51
CA PRO A 329 -5.60 -11.40 -15.59
C PRO A 329 -5.83 -12.89 -15.72
N CYS A 330 -7.00 -13.27 -16.24
CA CYS A 330 -7.28 -14.66 -16.53
C CYS A 330 -6.35 -15.15 -17.63
N THR A 331 -5.88 -16.38 -17.48
CA THR A 331 -4.91 -16.93 -18.42
C THR A 331 -5.43 -18.26 -18.99
N ARG A 332 -4.64 -18.87 -19.87
CA ARG A 332 -4.99 -20.16 -20.46
C ARG A 332 -3.75 -20.99 -20.74
N PRO A 333 -3.92 -22.30 -21.00
CA PRO A 333 -2.80 -23.14 -21.37
C PRO A 333 -2.12 -22.60 -22.63
N PRO A 334 -0.82 -22.89 -22.80
CA PRO A 334 -0.08 -22.31 -23.90
C PRO A 334 -0.30 -23.10 -25.18
N SER A 335 0.16 -22.55 -26.31
CA SER A 335 0.23 -23.31 -27.55
C SER A 335 1.40 -24.30 -27.47
N ALA A 336 1.65 -25.02 -28.56
CA ALA A 336 2.73 -26.01 -28.61
C ALA A 336 4.09 -25.32 -28.73
N PRO A 337 5.18 -26.01 -28.31
CA PRO A 337 6.50 -25.46 -28.56
C PRO A 337 6.57 -25.10 -30.04
N HIS A 338 6.95 -23.87 -30.34
CA HIS A 338 6.77 -23.39 -31.69
C HIS A 338 7.52 -24.25 -32.71
N TYR A 339 8.80 -24.51 -32.46
CA TYR A 339 9.58 -25.45 -33.27
C TYR A 339 10.19 -26.54 -32.36
N LEU A 340 10.37 -27.71 -32.95
CA LEU A 340 11.08 -28.84 -32.34
C LEU A 340 11.96 -29.49 -33.39
N THR A 341 13.21 -29.76 -33.04
CA THR A 341 14.09 -30.55 -33.88
C THR A 341 14.51 -31.81 -33.13
N ALA A 342 14.50 -32.92 -33.86
CA ALA A 342 14.98 -34.19 -33.37
C ALA A 342 16.08 -34.61 -34.32
N VAL A 343 17.32 -34.57 -33.82
CA VAL A 343 18.47 -34.90 -34.65
C VAL A 343 19.23 -36.08 -34.06
N GLY A 344 19.59 -37.03 -34.92
CA GLY A 344 20.29 -38.25 -34.49
C GLY A 344 21.81 -38.19 -34.58
N MET A 345 22.42 -37.17 -33.99
CA MET A 345 23.88 -37.01 -34.00
C MET A 345 24.58 -38.18 -33.30
N GLY A 346 25.03 -39.15 -34.10
CA GLY A 346 25.74 -40.32 -33.58
C GLY A 346 24.78 -41.44 -33.21
N ALA A 347 24.88 -41.93 -31.97
CA ALA A 347 23.97 -42.95 -31.46
C ALA A 347 22.86 -42.33 -30.61
N LYS A 348 23.14 -41.14 -30.07
CA LYS A 348 22.17 -40.39 -29.25
C LYS A 348 21.30 -39.51 -30.13
N VAL A 349 20.09 -39.19 -29.65
CA VAL A 349 19.27 -38.16 -30.31
C VAL A 349 19.18 -36.87 -29.49
N GLU A 350 19.36 -35.77 -30.18
CA GLU A 350 19.21 -34.46 -29.58
C GLU A 350 17.85 -33.86 -29.93
N LEU A 351 17.06 -33.55 -28.91
CA LEU A 351 15.84 -32.76 -29.13
C LEU A 351 16.08 -31.35 -28.67
N ARG A 352 15.89 -30.41 -29.59
N ARG A 352 15.89 -30.41 -29.59
CA ARG A 352 15.95 -28.99 -29.31
CA ARG A 352 15.95 -28.99 -29.27
C ARG A 352 14.61 -28.40 -29.71
C ARG A 352 14.63 -28.38 -29.71
N TRP A 353 14.01 -27.62 -28.81
CA TRP A 353 12.76 -26.93 -29.13
C TRP A 353 12.76 -25.45 -28.74
N THR A 354 11.59 -24.82 -28.89
CA THR A 354 11.42 -23.39 -28.79
C THR A 354 10.14 -23.14 -28.02
N PRO A 355 10.08 -22.07 -27.19
CA PRO A 355 8.87 -21.83 -26.39
C PRO A 355 7.63 -21.62 -27.26
N PRO A 356 6.43 -21.78 -26.69
CA PRO A 356 5.21 -21.64 -27.51
C PRO A 356 5.05 -20.24 -28.08
N GLN A 357 4.41 -20.13 -29.23
CA GLN A 357 4.04 -18.85 -29.80
C GLN A 357 3.11 -18.08 -28.86
N ASP A 358 2.20 -18.81 -28.23
CA ASP A 358 1.27 -18.25 -27.27
C ASP A 358 1.47 -18.91 -25.90
N SER A 359 1.79 -18.09 -24.92
CA SER A 359 2.06 -18.60 -23.56
C SER A 359 0.77 -18.70 -22.74
N GLY A 360 -0.32 -18.19 -23.31
CA GLY A 360 -1.57 -18.04 -22.59
C GLY A 360 -1.42 -17.06 -21.44
N GLY A 361 -0.50 -16.08 -21.61
CA GLY A 361 -0.24 -15.05 -20.62
C GLY A 361 0.41 -15.52 -19.34
N ARG A 362 1.22 -16.57 -19.40
CA ARG A 362 1.88 -17.08 -18.20
C ARG A 362 3.39 -17.19 -18.36
N GLU A 363 4.08 -17.29 -17.23
CA GLU A 363 5.53 -17.33 -17.18
C GLU A 363 6.03 -18.59 -16.49
N ASP A 364 5.10 -19.48 -16.15
CA ASP A 364 5.43 -20.74 -15.45
C ASP A 364 5.34 -21.96 -16.37
N ILE A 365 5.90 -21.81 -17.57
CA ILE A 365 5.88 -22.84 -18.59
C ILE A 365 6.90 -23.99 -18.35
N VAL A 366 6.39 -25.23 -18.31
CA VAL A 366 7.24 -26.43 -18.24
C VAL A 366 7.01 -27.36 -19.44
N TYR A 367 8.02 -28.16 -19.74
CA TYR A 367 7.95 -29.14 -20.83
C TYR A 367 8.05 -30.57 -20.31
N SER A 368 7.35 -31.48 -20.99
CA SER A 368 7.49 -32.91 -20.72
C SER A 368 7.61 -33.72 -22.01
N VAL A 369 8.51 -34.69 -22.01
CA VAL A 369 8.78 -35.48 -23.21
C VAL A 369 8.35 -36.93 -23.07
N THR A 370 7.70 -37.45 -24.11
CA THR A 370 7.30 -38.85 -24.17
C THR A 370 7.72 -39.46 -25.51
N CYS A 371 7.64 -40.78 -25.62
CA CYS A 371 8.26 -41.51 -26.74
C CYS A 371 7.48 -42.74 -27.20
N GLU A 372 7.37 -42.91 -28.52
CA GLU A 372 6.80 -44.12 -29.14
C GLU A 372 7.83 -44.80 -30.07
N GLN A 373 7.86 -46.13 -30.06
CA GLN A 373 8.71 -46.91 -30.96
C GLN A 373 7.88 -47.54 -32.08
N CYS A 374 8.50 -47.65 -33.26
CA CYS A 374 7.86 -48.23 -34.44
C CYS A 374 8.90 -48.88 -35.36
N TRP A 375 8.73 -50.17 -35.63
CA TRP A 375 9.68 -50.92 -36.45
C TRP A 375 9.21 -50.91 -37.90
N PRO A 376 9.97 -50.25 -38.81
CA PRO A 376 9.57 -50.17 -40.22
C PRO A 376 9.86 -51.46 -40.99
N SER A 378 8.28 -54.16 -40.20
CA SER A 378 7.41 -54.78 -39.20
C SER A 378 6.05 -54.07 -39.14
N GLY A 379 6.07 -52.76 -38.90
CA GLY A 379 4.85 -51.95 -38.81
C GLY A 379 4.30 -51.75 -37.41
N GLU A 380 4.57 -52.72 -36.53
CA GLU A 380 4.07 -52.69 -35.15
C GLU A 380 4.65 -51.52 -34.35
N CYS A 381 3.86 -50.99 -33.43
CA CYS A 381 4.26 -49.86 -32.60
C CYS A 381 3.89 -50.04 -31.13
N GLY A 382 4.52 -49.25 -30.27
CA GLY A 382 4.29 -49.34 -28.84
C GLY A 382 5.11 -48.31 -28.09
N PRO A 383 4.84 -48.14 -26.78
CA PRO A 383 5.54 -47.11 -26.02
C PRO A 383 7.05 -47.38 -25.94
N CYS A 384 7.79 -46.35 -25.57
CA CYS A 384 9.24 -46.44 -25.46
C CYS A 384 9.65 -47.42 -24.37
N GLU A 385 10.75 -48.13 -24.59
CA GLU A 385 11.31 -49.06 -23.61
C GLU A 385 11.90 -48.33 -22.41
N ALA A 386 12.03 -49.04 -21.29
CA ALA A 386 12.55 -48.47 -20.05
C ALA A 386 14.07 -48.30 -20.11
N SER A 387 14.66 -48.73 -21.21
CA SER A 387 16.10 -48.65 -21.41
C SER A 387 16.51 -47.31 -22.00
N VAL A 388 15.53 -46.51 -22.40
CA VAL A 388 15.85 -45.17 -22.91
C VAL A 388 16.04 -44.21 -21.74
N ARG A 389 17.18 -43.52 -21.75
CA ARG A 389 17.46 -42.54 -20.74
C ARG A 389 17.40 -41.13 -21.32
N TYR A 390 17.26 -40.16 -20.43
CA TYR A 390 17.21 -38.76 -20.79
C TYR A 390 18.29 -38.03 -20.00
N SER A 391 18.87 -37.00 -20.60
CA SER A 391 19.92 -36.20 -19.97
C SER A 391 19.43 -35.39 -18.75
N GLU A 392 18.14 -35.53 -18.43
CA GLU A 392 17.42 -34.69 -17.48
C GLU A 392 16.04 -35.34 -17.34
N PRO A 393 15.55 -35.56 -16.10
CA PRO A 393 14.20 -36.11 -15.90
C PRO A 393 13.18 -35.50 -16.88
N PRO A 394 12.57 -36.35 -17.75
CA PRO A 394 11.78 -35.89 -18.92
C PRO A 394 10.46 -35.14 -18.64
N HIS A 395 10.15 -34.87 -17.37
CA HIS A 395 9.01 -34.02 -17.01
C HIS A 395 9.49 -32.81 -16.20
N GLY A 396 8.63 -31.81 -16.04
CA GLY A 396 8.98 -30.59 -15.33
C GLY A 396 10.15 -29.84 -15.92
N LEU A 397 10.31 -29.92 -17.24
CA LEU A 397 11.42 -29.27 -17.93
C LEU A 397 11.22 -27.77 -18.10
N THR A 398 12.25 -27.01 -17.76
CA THR A 398 12.27 -25.57 -18.02
C THR A 398 13.27 -25.28 -19.14
N ARG A 399 14.28 -26.14 -19.25
CA ARG A 399 15.19 -26.14 -20.39
C ARG A 399 14.44 -26.43 -21.69
N THR A 400 15.01 -26.03 -22.82
CA THR A 400 14.35 -26.23 -24.12
C THR A 400 15.10 -27.22 -25.03
N SER A 401 15.64 -28.26 -24.41
CA SER A 401 16.38 -29.30 -25.10
C SER A 401 16.67 -30.47 -24.13
N VAL A 402 16.69 -31.68 -24.68
CA VAL A 402 17.21 -32.85 -23.96
C VAL A 402 17.91 -33.82 -24.88
N THR A 403 18.81 -34.60 -24.30
CA THR A 403 19.51 -35.65 -25.01
C THR A 403 18.87 -36.99 -24.67
N VAL A 404 18.57 -37.78 -25.69
CA VAL A 404 18.03 -39.12 -25.50
C VAL A 404 19.08 -40.13 -25.94
N SER A 405 19.38 -41.08 -25.05
CA SER A 405 20.39 -42.10 -25.33
C SER A 405 19.86 -43.52 -25.15
N ASP A 406 20.72 -44.50 -25.41
CA ASP A 406 20.39 -45.92 -25.37
C ASP A 406 19.19 -46.24 -26.27
N LEU A 407 19.42 -46.18 -27.58
CA LEU A 407 18.37 -46.38 -28.57
C LEU A 407 18.68 -47.56 -29.51
N GLU A 408 17.66 -48.38 -29.78
CA GLU A 408 17.81 -49.52 -30.68
C GLU A 408 17.91 -49.06 -32.11
N PRO A 409 18.89 -49.58 -32.86
CA PRO A 409 19.13 -49.11 -34.22
C PRO A 409 17.99 -49.41 -35.20
N HIS A 410 17.90 -48.57 -36.23
CA HIS A 410 16.91 -48.67 -37.30
C HIS A 410 15.47 -48.37 -36.87
N MET A 411 15.18 -48.53 -35.58
CA MET A 411 13.86 -48.24 -35.01
C MET A 411 13.43 -46.78 -35.23
N ASN A 412 12.18 -46.58 -35.67
CA ASN A 412 11.57 -45.25 -35.83
C ASN A 412 11.01 -44.73 -34.51
N TYR A 413 11.74 -43.83 -33.88
CA TYR A 413 11.30 -43.22 -32.63
C TYR A 413 10.56 -41.91 -32.87
N THR A 414 9.35 -41.80 -32.36
CA THR A 414 8.62 -40.53 -32.40
C THR A 414 8.57 -39.93 -31.00
N PHE A 415 9.08 -38.71 -30.88
CA PHE A 415 9.11 -38.00 -29.59
C PHE A 415 8.10 -36.89 -29.59
N THR A 416 7.32 -36.82 -28.52
CA THR A 416 6.36 -35.75 -28.41
C THR A 416 6.77 -34.86 -27.24
N VAL A 417 6.91 -33.58 -27.49
CA VAL A 417 7.23 -32.64 -26.43
C VAL A 417 6.04 -31.72 -26.18
N GLU A 418 5.55 -31.74 -24.94
CA GLU A 418 4.36 -31.01 -24.56
C GLU A 418 4.69 -29.77 -23.73
N ALA A 419 3.93 -28.70 -23.96
CA ALA A 419 4.05 -27.46 -23.19
C ALA A 419 2.86 -27.30 -22.23
N ARG A 420 3.15 -27.03 -20.96
CA ARG A 420 2.13 -26.80 -19.94
C ARG A 420 2.49 -25.65 -19.01
N ASN A 421 1.52 -24.77 -18.73
CA ASN A 421 1.70 -23.74 -17.71
C ASN A 421 0.80 -24.01 -16.50
N GLY A 422 0.73 -23.05 -15.59
CA GLY A 422 0.04 -23.24 -14.30
C GLY A 422 -1.43 -23.58 -14.36
N VAL A 423 -2.10 -23.19 -15.44
CA VAL A 423 -3.53 -23.45 -15.60
C VAL A 423 -3.87 -24.71 -16.41
N SER A 424 -2.85 -25.48 -16.80
CA SER A 424 -3.03 -26.68 -17.64
C SER A 424 -3.88 -27.78 -17.02
N GLY A 425 -3.78 -27.96 -15.70
CA GLY A 425 -4.55 -28.98 -15.00
C GLY A 425 -6.04 -28.73 -15.02
N LEU A 426 -6.43 -27.56 -15.53
CA LEU A 426 -7.82 -27.13 -15.54
C LEU A 426 -8.46 -27.24 -16.92
N VAL A 427 -7.72 -27.79 -17.88
CA VAL A 427 -8.30 -28.14 -19.18
C VAL A 427 -7.85 -29.57 -19.55
N THR A 428 -8.67 -30.24 -20.36
CA THR A 428 -8.35 -31.61 -20.82
C THR A 428 -7.39 -31.59 -22.01
N SER A 429 -7.47 -30.54 -22.83
CA SER A 429 -6.67 -30.41 -24.05
C SER A 429 -5.15 -30.41 -23.84
N ARG A 430 -4.41 -30.75 -24.91
CA ARG A 430 -2.96 -30.89 -24.87
C ARG A 430 -2.30 -30.11 -25.99
N SER A 431 -1.17 -29.48 -25.69
CA SER A 431 -0.41 -28.72 -26.69
C SER A 431 0.99 -29.30 -26.87
N PHE A 432 1.19 -29.97 -28.00
CA PHE A 432 2.46 -30.64 -28.23
C PHE A 432 2.93 -30.59 -29.66
N ARG A 433 4.21 -30.90 -29.83
CA ARG A 433 4.79 -31.14 -31.14
C ARG A 433 5.48 -32.51 -31.19
N THR A 434 5.43 -33.14 -32.35
CA THR A 434 6.07 -34.44 -32.54
C THR A 434 7.26 -34.32 -33.49
N ALA A 435 8.24 -35.21 -33.33
CA ALA A 435 9.36 -35.33 -34.26
C ALA A 435 9.98 -36.73 -34.20
N SER A 436 10.29 -37.26 -35.39
CA SER A 436 10.75 -38.64 -35.51
C SER A 436 12.21 -38.81 -35.90
N VAL A 437 12.89 -39.78 -35.27
CA VAL A 437 14.30 -40.05 -35.53
C VAL A 437 14.57 -41.55 -35.62
N SER A 438 15.46 -41.91 -36.54
CA SER A 438 16.01 -43.25 -36.64
C SER A 438 17.47 -43.17 -36.27
N ILE A 439 17.96 -44.20 -35.57
CA ILE A 439 19.40 -44.30 -35.32
C ILE A 439 20.02 -45.53 -36.00
N ASN A 440 21.24 -45.40 -36.48
CA ASN A 440 21.93 -46.48 -37.21
C ASN A 440 22.89 -47.25 -36.32
N GLN A 441 23.91 -46.56 -35.80
CA GLN A 441 24.90 -47.19 -34.96
C GLN A 441 24.47 -47.18 -33.50
N THR A 442 24.87 -48.20 -32.77
CA THR A 442 24.76 -48.19 -31.32
C THR A 442 25.92 -47.35 -30.74
N GLU A 443 25.88 -47.09 -29.44
CA GLU A 443 26.91 -46.27 -28.75
C GLU A 443 28.35 -46.77 -28.94
N PRO A 444 29.22 -45.93 -29.55
CA PRO A 444 30.64 -46.27 -29.69
C PRO A 444 31.38 -45.99 -28.39
N PRO A 445 32.62 -46.48 -28.26
CA PRO A 445 33.37 -46.11 -27.06
C PRO A 445 33.81 -44.64 -27.08
N LYS A 446 33.63 -43.95 -25.95
CA LYS A 446 34.15 -42.60 -25.81
C LYS A 446 35.58 -42.70 -25.30
N VAL A 447 36.54 -42.30 -26.14
CA VAL A 447 37.96 -42.55 -25.89
C VAL A 447 38.79 -41.28 -25.68
N ARG A 448 39.59 -41.29 -24.62
CA ARG A 448 40.50 -40.20 -24.27
C ARG A 448 41.90 -40.71 -23.94
N LEU A 449 42.89 -39.83 -24.05
CA LEU A 449 44.25 -40.10 -23.58
C LEU A 449 44.38 -39.86 -22.09
N GLU A 450 44.81 -40.87 -21.33
CA GLU A 450 45.01 -40.71 -19.89
C GLU A 450 46.44 -40.29 -19.54
N GLY A 451 47.28 -40.19 -20.57
CA GLY A 451 48.70 -39.93 -20.40
C GLY A 451 49.47 -40.32 -21.65
N ARG A 452 50.72 -39.90 -21.72
CA ARG A 452 51.58 -40.17 -22.89
C ARG A 452 53.06 -40.13 -22.53
N SER A 453 53.89 -40.69 -23.41
CA SER A 453 55.35 -40.61 -23.30
C SER A 453 56.01 -40.68 -24.69
N THR A 454 57.23 -41.21 -24.71
CA THR A 454 57.92 -41.62 -25.93
C THR A 454 59.36 -41.98 -25.57
N SER A 456 54.32 -45.44 -24.15
CA SER A 456 54.02 -44.34 -25.05
C SER A 456 52.60 -43.82 -24.80
N LEU A 457 51.74 -43.88 -25.82
CA LEU A 457 50.35 -43.39 -25.70
C LEU A 457 49.48 -44.28 -24.81
N SER A 458 49.06 -43.74 -23.68
CA SER A 458 48.16 -44.42 -22.76
C SER A 458 46.70 -43.97 -22.95
N VAL A 459 45.85 -44.93 -23.32
CA VAL A 459 44.49 -44.68 -23.79
C VAL A 459 43.45 -45.32 -22.88
N SER A 460 42.32 -44.63 -22.69
CA SER A 460 41.15 -45.18 -22.00
C SER A 460 39.87 -44.89 -22.78
N TRP A 461 38.81 -45.66 -22.50
CA TRP A 461 37.50 -45.43 -23.08
C TRP A 461 36.40 -45.82 -22.11
N SER A 462 35.16 -45.52 -22.52
CA SER A 462 33.98 -45.85 -21.73
C SER A 462 32.80 -46.06 -22.66
N ILE A 463 31.85 -46.88 -22.20
CA ILE A 463 30.51 -46.96 -22.79
C ILE A 463 29.49 -47.17 -21.66
N PRO A 464 28.25 -46.65 -21.83
CA PRO A 464 27.24 -46.72 -20.78
C PRO A 464 26.97 -48.16 -20.34
N PRO A 465 26.92 -48.40 -19.00
CA PRO A 465 26.82 -49.74 -18.39
C PRO A 465 25.74 -50.70 -18.94
N PRO A 466 24.58 -50.17 -19.41
CA PRO A 466 23.62 -51.04 -20.13
C PRO A 466 24.17 -51.70 -21.40
N GLN A 467 25.06 -51.01 -22.12
CA GLN A 467 25.67 -51.56 -23.33
C GLN A 467 26.84 -52.51 -23.05
N GLN A 468 27.42 -52.41 -21.84
CA GLN A 468 28.63 -53.18 -21.48
C GLN A 468 28.48 -54.69 -21.55
N SER A 469 27.27 -55.19 -21.36
CA SER A 469 27.00 -56.61 -21.51
C SER A 469 27.11 -57.05 -22.96
N ARG A 470 26.78 -56.17 -23.89
CA ARG A 470 26.74 -56.53 -25.31
C ARG A 470 28.13 -56.79 -25.90
N VAL A 471 29.14 -56.06 -25.42
CA VAL A 471 30.48 -56.12 -26.00
C VAL A 471 31.26 -57.40 -25.68
N TRP A 472 31.73 -58.10 -26.71
CA TRP A 472 32.52 -59.30 -26.52
C TRP A 472 33.96 -58.94 -26.20
N LYS A 473 34.53 -58.10 -27.05
CA LYS A 473 35.86 -57.56 -26.88
C LYS A 473 35.92 -56.19 -27.56
N TYR A 474 36.83 -55.34 -27.10
CA TYR A 474 37.11 -54.08 -27.78
C TYR A 474 38.33 -54.27 -28.70
N GLU A 475 38.27 -53.64 -29.87
CA GLU A 475 39.38 -53.76 -30.79
C GLU A 475 40.02 -52.40 -31.04
N VAL A 476 41.26 -52.27 -30.58
CA VAL A 476 42.04 -51.05 -30.78
C VAL A 476 42.84 -51.12 -32.08
N THR A 477 42.67 -50.14 -32.95
CA THR A 477 43.49 -50.05 -34.16
C THR A 477 44.34 -48.79 -34.11
N TYR A 478 45.61 -48.94 -34.49
CA TYR A 478 46.51 -47.79 -34.62
C TYR A 478 47.42 -47.82 -35.86
N ARG A 479 47.26 -46.78 -36.67
CA ARG A 479 48.09 -46.53 -37.85
C ARG A 479 48.96 -45.30 -37.56
N LYS A 480 49.98 -45.11 -38.39
CA LYS A 480 50.80 -43.90 -38.37
C LYS A 480 50.23 -42.98 -39.46
N LYS A 481 50.09 -41.69 -39.14
CA LYS A 481 49.60 -40.72 -40.15
C LYS A 481 50.67 -40.40 -41.18
N SER A 484 49.51 -46.14 -44.50
CA SER A 484 48.70 -46.05 -45.72
C SER A 484 48.26 -47.45 -46.14
N ASN A 485 48.93 -48.44 -45.55
CA ASN A 485 48.55 -49.85 -45.61
C ASN A 485 49.33 -50.69 -44.57
N SER A 486 49.44 -50.16 -43.34
CA SER A 486 50.13 -50.87 -42.23
C SER A 486 49.65 -50.45 -40.83
N TYR A 487 48.59 -51.09 -40.35
CA TYR A 487 48.06 -50.81 -39.01
C TYR A 487 48.35 -51.92 -37.98
N ASN A 488 48.13 -51.60 -36.71
CA ASN A 488 48.36 -52.56 -35.62
C ASN A 488 47.12 -52.66 -34.75
N VAL A 489 46.51 -53.84 -34.70
CA VAL A 489 45.37 -54.03 -33.82
C VAL A 489 45.68 -54.88 -32.58
N ARG A 490 45.12 -54.47 -31.45
CA ARG A 490 45.17 -55.22 -30.18
C ARG A 490 43.74 -55.42 -29.68
N ARG A 491 43.55 -56.36 -28.75
CA ARG A 491 42.22 -56.57 -28.16
C ARG A 491 42.22 -56.70 -26.65
N THR A 492 41.19 -56.12 -26.02
CA THR A 492 41.02 -56.23 -24.58
C THR A 492 39.52 -56.33 -24.23
N GLU A 493 39.26 -56.88 -23.04
CA GLU A 493 37.90 -56.89 -22.51
C GLU A 493 37.70 -55.66 -21.65
N GLY A 494 38.81 -55.06 -21.23
CA GLY A 494 38.81 -53.88 -20.36
C GLY A 494 38.65 -52.54 -21.07
N PHE A 495 38.94 -51.48 -20.34
CA PHE A 495 38.62 -50.13 -20.77
C PHE A 495 39.84 -49.21 -20.92
N SER A 496 41.04 -49.81 -20.95
CA SER A 496 42.28 -49.08 -21.15
C SER A 496 43.40 -49.96 -21.69
N VAL A 497 44.16 -49.41 -22.63
CA VAL A 497 45.41 -50.00 -23.09
C VAL A 497 46.49 -48.93 -23.18
N THR A 498 47.74 -49.36 -23.03
CA THR A 498 48.89 -48.51 -23.34
C THR A 498 49.48 -49.00 -24.66
N LEU A 499 49.54 -48.13 -25.66
CA LEU A 499 50.22 -48.47 -26.90
C LEU A 499 51.73 -48.32 -26.73
N ASP A 500 52.48 -49.36 -27.06
CA ASP A 500 53.90 -49.45 -26.78
C ASP A 500 54.76 -49.33 -28.01
N ASP A 501 56.06 -49.07 -27.78
CA ASP A 501 57.11 -49.17 -28.79
C ASP A 501 56.84 -48.21 -29.98
N LEU A 502 56.56 -46.96 -29.64
CA LEU A 502 56.14 -45.96 -30.63
C LEU A 502 57.20 -44.89 -30.90
N ALA A 503 57.09 -44.26 -32.06
CA ALA A 503 58.01 -43.19 -32.46
C ALA A 503 57.76 -41.89 -31.69
N PRO A 504 58.83 -41.11 -31.40
CA PRO A 504 58.68 -39.81 -30.73
C PRO A 504 58.07 -38.74 -31.63
N ASP A 505 57.32 -37.81 -31.03
CA ASP A 505 56.66 -36.72 -31.77
C ASP A 505 55.99 -37.23 -33.05
N THR A 506 54.96 -38.05 -32.88
CA THR A 506 54.30 -38.72 -34.01
C THR A 506 52.78 -38.73 -33.89
N THR A 507 52.12 -38.50 -35.02
CA THR A 507 50.67 -38.53 -35.11
C THR A 507 50.22 -39.92 -35.46
N TYR A 508 49.35 -40.45 -34.60
CA TYR A 508 48.78 -41.77 -34.76
C TYR A 508 47.27 -41.67 -34.91
N LEU A 509 46.72 -42.52 -35.77
CA LEU A 509 45.27 -42.66 -35.94
C LEU A 509 44.76 -43.82 -35.08
N VAL A 510 44.04 -43.48 -34.01
CA VAL A 510 43.51 -44.48 -33.08
C VAL A 510 41.98 -44.59 -33.18
N GLN A 511 41.50 -45.81 -33.38
CA GLN A 511 40.08 -46.14 -33.33
C GLN A 511 39.81 -47.28 -32.35
N VAL A 512 38.68 -47.21 -31.66
CA VAL A 512 38.28 -48.28 -30.77
C VAL A 512 36.88 -48.78 -31.14
N GLN A 513 36.82 -49.98 -31.72
CA GLN A 513 35.56 -50.67 -32.01
C GLN A 513 35.09 -51.53 -30.82
N ALA A 514 33.78 -51.48 -30.58
CA ALA A 514 33.11 -52.35 -29.64
C ALA A 514 32.60 -53.53 -30.45
N LEU A 515 33.08 -54.72 -30.14
CA LEU A 515 32.79 -55.91 -30.93
C LEU A 515 31.77 -56.81 -30.25
N THR A 516 30.90 -57.44 -31.06
CA THR A 516 29.85 -58.31 -30.55
C THR A 516 29.81 -59.63 -31.33
N GLN A 517 29.13 -60.64 -30.75
CA GLN A 517 28.95 -61.94 -31.41
C GLN A 517 27.79 -61.92 -32.42
N GLY A 521 30.81 -54.50 -34.62
CA GLY A 521 29.69 -53.80 -34.01
C GLY A 521 29.75 -52.31 -34.26
N ALA A 522 29.93 -51.54 -33.18
CA ALA A 522 30.01 -50.08 -33.31
C ALA A 522 31.38 -49.52 -32.92
N GLY A 523 31.96 -48.73 -33.82
CA GLY A 523 33.32 -48.22 -33.66
C GLY A 523 33.40 -46.72 -33.53
N SER A 524 34.37 -46.25 -32.73
CA SER A 524 34.53 -44.82 -32.43
C SER A 524 35.02 -43.99 -33.63
N LYS A 525 35.08 -42.67 -33.45
CA LYS A 525 35.74 -41.78 -34.40
C LYS A 525 37.25 -42.01 -34.35
N VAL A 526 37.94 -41.60 -35.41
CA VAL A 526 39.39 -41.66 -35.45
C VAL A 526 39.94 -40.49 -34.64
N HIS A 527 40.87 -40.79 -33.74
CA HIS A 527 41.50 -39.77 -32.91
C HIS A 527 42.96 -39.60 -33.32
N GLU A 528 43.48 -38.39 -33.16
CA GLU A 528 44.88 -38.13 -33.45
C GLU A 528 45.64 -37.86 -32.15
N PHE A 529 46.51 -38.80 -31.80
CA PHE A 529 47.27 -38.72 -30.56
C PHE A 529 48.76 -38.63 -30.84
N GLN A 530 49.39 -37.64 -30.22
CA GLN A 530 50.79 -37.35 -30.47
C GLN A 530 51.66 -37.70 -29.26
N THR A 531 52.78 -38.36 -29.55
CA THR A 531 53.77 -38.77 -28.55
C THR A 531 54.63 -37.58 -28.10
N LEU A 532 55.37 -37.76 -27.02
CA LEU A 532 56.29 -36.74 -26.50
C LEU A 532 57.49 -36.45 -27.41
N SER A 533 58.34 -35.51 -26.96
CA SER A 533 59.58 -35.15 -27.63
C SER A 533 60.72 -35.00 -26.62
#